data_5DAY
#
_entry.id   5DAY
#
_cell.length_a   60.542
_cell.length_b   60.812
_cell.length_c   135.248
_cell.angle_alpha   90.00
_cell.angle_beta   90.00
_cell.angle_gamma   90.00
#
_symmetry.space_group_name_H-M   'P 21 21 21'
#
loop_
_entity.id
_entity.type
_entity.pdbx_description
1 polymer 'NAP1-related protein 1'
2 non-polymer 'CALCIUM ION'
3 water water
#
_entity_poly.entity_id   1
_entity_poly.type   'polypeptide(L)'
_entity_poly.pdbx_seq_one_letter_code
;SNLEQIDAELVLSIEKLQEIQDDLEKINEKASDEVLEVEQKYNVIRKPVYDKRNEVIQSIPGFWMTAFLSHPALGDLLTE
EDQKIFKYLNSLEVEDAKDVKSGYSITFHFTSNPFFEDAKLTKTFTFLEEGTTKITATPIKWKEGKGLPNGVNHDDKKGN
KRALPEESFFTWFTDAQHKEDAGDEIHDEVADIIKEDLWSNPLTYFNN
;
_entity_poly.pdbx_strand_id   A,B
#
loop_
_chem_comp.id
_chem_comp.type
_chem_comp.name
_chem_comp.formula
CA non-polymer 'CALCIUM ION' 'Ca 2'
#
# COMPACT_ATOMS: atom_id res chain seq x y z
N SER A 1 -38.60 -17.00 30.35
CA SER A 1 -39.38 -15.95 29.71
C SER A 1 -38.52 -15.13 28.76
N ASN A 2 -38.52 -13.81 28.95
CA ASN A 2 -37.74 -12.91 28.12
C ASN A 2 -36.25 -13.26 28.21
N LEU A 3 -35.81 -13.68 29.39
CA LEU A 3 -34.42 -14.04 29.60
C LEU A 3 -34.02 -15.26 28.76
N GLU A 4 -34.90 -16.25 28.66
CA GLU A 4 -34.62 -17.42 27.83
C GLU A 4 -34.54 -17.04 26.36
N GLN A 5 -35.44 -16.15 25.92
CA GLN A 5 -35.42 -15.74 24.53
C GLN A 5 -34.16 -14.94 24.21
N ILE A 6 -33.73 -14.07 25.14
CA ILE A 6 -32.52 -13.31 24.90
C ILE A 6 -31.31 -14.24 24.88
N ASP A 7 -31.29 -15.21 25.81
CA ASP A 7 -30.24 -16.21 25.85
C ASP A 7 -30.13 -16.95 24.51
N ALA A 8 -31.26 -17.51 24.04
CA ALA A 8 -31.28 -18.22 22.78
C ALA A 8 -30.89 -17.32 21.62
N GLU A 9 -31.37 -16.08 21.63
CA GLU A 9 -30.98 -15.13 20.61
C GLU A 9 -29.51 -14.85 20.59
N LEU A 10 -28.89 -14.82 21.76
CA LEU A 10 -27.45 -14.56 21.84
C LEU A 10 -26.65 -15.67 21.18
N VAL A 11 -26.99 -16.93 21.47
CA VAL A 11 -26.31 -18.08 20.87
C VAL A 11 -26.47 -18.07 19.36
N LEU A 12 -27.70 -17.86 18.90
CA LEU A 12 -28.00 -17.74 17.47
C LEU A 12 -27.24 -16.60 16.81
N SER A 13 -27.15 -15.45 17.48
CA SER A 13 -26.54 -14.28 16.86
C SER A 13 -25.04 -14.46 16.67
N ILE A 14 -24.38 -15.18 17.56
CA ILE A 14 -22.95 -15.46 17.38
C ILE A 14 -22.72 -16.32 16.14
N GLU A 15 -23.58 -17.32 15.91
CA GLU A 15 -23.45 -18.16 14.72
C GLU A 15 -23.75 -17.37 13.45
N LYS A 16 -24.82 -16.59 13.43
CA LYS A 16 -25.12 -15.77 12.25
C LYS A 16 -23.96 -14.82 11.95
N LEU A 17 -23.34 -14.27 12.99
CA LEU A 17 -22.21 -13.37 12.80
C LEU A 17 -21.05 -14.10 12.14
N GLN A 18 -20.82 -15.37 12.52
CA GLN A 18 -19.78 -16.15 11.86
C GLN A 18 -20.12 -16.37 10.39
N GLU A 19 -21.41 -16.54 10.09
CA GLU A 19 -21.85 -16.62 8.70
C GLU A 19 -21.63 -15.30 7.95
N ILE A 20 -21.92 -14.17 8.60
CA ILE A 20 -21.76 -12.88 7.93
C ILE A 20 -20.29 -12.61 7.60
N GLN A 21 -19.38 -12.92 8.54
CA GLN A 21 -17.96 -12.71 8.27
C GLN A 21 -17.46 -13.63 7.15
N ASP A 22 -17.97 -14.87 7.09
CA ASP A 22 -17.64 -15.75 5.98
C ASP A 22 -18.07 -15.12 4.66
N ASP A 23 -19.30 -14.58 4.61
CA ASP A 23 -19.72 -13.86 3.41
C ASP A 23 -18.78 -12.69 3.12
N LEU A 24 -18.43 -11.92 4.15
CA LEU A 24 -17.53 -10.79 3.95
C LEU A 24 -16.15 -11.23 3.49
N GLU A 25 -15.69 -12.40 3.95
CA GLU A 25 -14.38 -12.86 3.53
C GLU A 25 -14.37 -13.18 2.04
N LYS A 26 -15.44 -13.84 1.56
CA LYS A 26 -15.53 -14.15 0.14
C LYS A 26 -15.69 -12.91 -0.72
N ILE A 27 -16.41 -11.90 -0.22
CA ILE A 27 -16.55 -10.66 -0.97
C ILE A 27 -15.23 -9.93 -1.04
N ASN A 28 -14.49 -9.87 0.07
CA ASN A 28 -13.19 -9.22 0.06
C ASN A 28 -12.20 -9.97 -0.84
N GLU A 29 -12.35 -11.28 -0.98
CA GLU A 29 -11.45 -11.99 -1.86
C GLU A 29 -11.78 -11.73 -3.32
N LYS A 30 -13.07 -11.70 -3.67
CA LYS A 30 -13.42 -11.32 -5.04
C LYS A 30 -12.90 -9.91 -5.37
N ALA A 31 -13.08 -8.96 -4.45
CA ALA A 31 -12.68 -7.59 -4.74
C ALA A 31 -11.16 -7.47 -4.88
N SER A 32 -10.39 -8.16 -4.06
CA SER A 32 -8.95 -8.01 -4.19
C SER A 32 -8.42 -8.78 -5.41
N ASP A 33 -9.10 -9.86 -5.82
CA ASP A 33 -8.80 -10.47 -7.11
C ASP A 33 -9.06 -9.49 -8.25
N GLU A 34 -10.12 -8.67 -8.12
CA GLU A 34 -10.50 -7.80 -9.22
C GLU A 34 -9.55 -6.62 -9.35
N VAL A 35 -9.11 -6.08 -8.22
CA VAL A 35 -8.09 -5.05 -8.22
C VAL A 35 -6.79 -5.61 -8.81
N LEU A 36 -6.47 -6.86 -8.49
CA LEU A 36 -5.26 -7.49 -8.99
C LEU A 36 -5.32 -7.69 -10.50
N GLU A 37 -6.48 -8.07 -11.02
CA GLU A 37 -6.61 -8.25 -12.45
C GLU A 37 -6.42 -6.94 -13.22
N VAL A 38 -6.87 -5.82 -12.63
CA VAL A 38 -6.63 -4.51 -13.23
C VAL A 38 -5.14 -4.22 -13.31
N GLU A 39 -4.38 -4.56 -12.26
CA GLU A 39 -2.95 -4.32 -12.32
C GLU A 39 -2.25 -5.26 -13.30
N GLN A 40 -2.68 -6.52 -13.36
CA GLN A 40 -2.14 -7.46 -14.35
C GLN A 40 -2.38 -6.96 -15.77
N LYS A 41 -3.61 -6.50 -16.04
CA LYS A 41 -3.93 -5.95 -17.35
C LYS A 41 -3.02 -4.77 -17.70
N TYR A 42 -2.74 -3.87 -16.74
CA TYR A 42 -1.95 -2.71 -17.08
C TYR A 42 -0.46 -2.99 -17.12
N ASN A 43 0.02 -4.08 -16.51
CA ASN A 43 1.38 -4.53 -16.80
C ASN A 43 1.50 -5.01 -18.23
N VAL A 44 0.46 -5.63 -18.77
CA VAL A 44 0.43 -5.96 -20.19
C VAL A 44 0.54 -4.70 -21.04
N ILE A 45 -0.26 -3.69 -20.69
CA ILE A 45 -0.33 -2.45 -21.47
C ILE A 45 1.00 -1.70 -21.43
N ARG A 46 1.67 -1.68 -20.27
CA ARG A 46 2.90 -0.91 -20.15
C ARG A 46 4.10 -1.60 -20.76
N LYS A 47 4.05 -2.92 -20.94
CA LYS A 47 5.25 -3.66 -21.33
C LYS A 47 5.85 -3.13 -22.64
N PRO A 48 5.11 -2.99 -23.75
CA PRO A 48 5.75 -2.41 -24.94
C PRO A 48 6.15 -0.94 -24.77
N VAL A 49 5.54 -0.20 -23.84
CA VAL A 49 6.01 1.17 -23.61
C VAL A 49 7.37 1.17 -22.89
N TYR A 50 7.52 0.30 -21.88
CA TYR A 50 8.83 0.13 -21.26
C TYR A 50 9.88 -0.33 -22.28
N ASP A 51 9.47 -1.14 -23.27
CA ASP A 51 10.42 -1.61 -24.27
C ASP A 51 10.88 -0.45 -25.16
N LYS A 52 9.94 0.35 -25.68
CA LYS A 52 10.30 1.55 -26.42
C LYS A 52 11.20 2.45 -25.60
N ARG A 53 10.91 2.59 -24.30
CA ARG A 53 11.74 3.44 -23.46
C ARG A 53 13.16 2.89 -23.39
N ASN A 54 13.30 1.57 -23.22
CA ASN A 54 14.62 0.95 -23.19
C ASN A 54 15.34 1.18 -24.52
N GLU A 55 14.61 1.19 -25.63
CA GLU A 55 15.23 1.38 -26.94
C GLU A 55 15.79 2.79 -27.07
N VAL A 56 15.00 3.81 -26.71
CA VAL A 56 15.46 5.20 -26.72
C VAL A 56 16.67 5.38 -25.81
N ILE A 57 16.65 4.74 -24.63
CA ILE A 57 17.75 4.91 -23.68
C ILE A 57 19.09 4.42 -24.25
N GLN A 58 19.08 3.50 -25.22
CA GLN A 58 20.33 3.04 -25.83
C GLN A 58 21.11 4.18 -26.48
N SER A 59 20.43 5.25 -26.93
CA SER A 59 21.06 6.44 -27.47
C SER A 59 21.62 7.40 -26.43
N ILE A 60 21.45 7.18 -25.13
CA ILE A 60 21.97 8.09 -24.12
C ILE A 60 23.03 7.36 -23.33
N PRO A 61 24.32 7.62 -23.59
CA PRO A 61 25.38 6.69 -23.16
C PRO A 61 25.42 6.38 -21.67
N GLY A 62 25.15 7.33 -20.80
CA GLY A 62 25.26 6.88 -19.42
C GLY A 62 23.96 6.98 -18.63
N PHE A 63 22.82 6.81 -19.31
CA PHE A 63 21.54 7.21 -18.76
C PHE A 63 21.29 6.61 -17.39
N TRP A 64 21.18 5.28 -17.31
CA TRP A 64 20.73 4.66 -16.07
C TRP A 64 21.71 4.93 -14.93
N MET A 65 23.02 4.81 -15.18
CA MET A 65 23.98 5.18 -14.15
C MET A 65 23.75 6.62 -13.69
N THR A 66 23.52 7.53 -14.63
CA THR A 66 23.36 8.93 -14.28
C THR A 66 22.07 9.18 -13.49
N ALA A 67 20.97 8.55 -13.88
CA ALA A 67 19.73 8.71 -13.12
C ALA A 67 19.88 8.11 -11.73
N PHE A 68 20.53 6.95 -11.63
CA PHE A 68 20.77 6.30 -10.35
C PHE A 68 21.62 7.18 -9.45
N LEU A 69 22.63 7.85 -10.02
CA LEU A 69 23.51 8.72 -9.24
C LEU A 69 22.84 10.02 -8.84
N SER A 70 21.92 10.53 -9.67
CA SER A 70 21.22 11.75 -9.34
C SER A 70 20.08 11.54 -8.35
N HIS A 71 19.71 10.30 -8.08
CA HIS A 71 18.66 10.06 -7.11
C HIS A 71 19.20 10.28 -5.70
N PRO A 72 18.53 11.12 -4.89
CA PRO A 72 19.07 11.43 -3.55
C PRO A 72 19.34 10.22 -2.67
N ALA A 73 18.43 9.26 -2.61
CA ALA A 73 18.64 8.11 -1.74
C ALA A 73 19.70 7.16 -2.30
N LEU A 74 19.66 6.90 -3.61
CA LEU A 74 20.48 5.84 -4.21
C LEU A 74 21.90 6.30 -4.52
N GLY A 75 22.06 7.56 -4.95
CA GLY A 75 23.33 8.01 -5.48
C GLY A 75 24.51 7.77 -4.56
N ASP A 76 24.36 8.09 -3.27
CA ASP A 76 25.48 7.97 -2.35
C ASP A 76 25.82 6.52 -1.99
N LEU A 77 25.14 5.53 -2.58
CA LEU A 77 25.42 4.14 -2.32
C LEU A 77 26.50 3.55 -3.21
N LEU A 78 26.95 4.29 -4.23
CA LEU A 78 27.98 3.81 -5.14
C LEU A 78 29.34 4.33 -4.67
N THR A 79 30.14 3.44 -4.08
CA THR A 79 31.55 3.74 -3.83
C THR A 79 32.20 4.10 -5.16
N GLU A 80 33.42 4.65 -5.12
CA GLU A 80 33.97 5.19 -6.37
C GLU A 80 34.28 4.09 -7.38
N GLU A 81 34.66 2.89 -6.92
CA GLU A 81 34.88 1.80 -7.87
C GLU A 81 33.57 1.22 -8.38
N ASP A 82 32.52 1.22 -7.55
CA ASP A 82 31.18 0.88 -8.04
C ASP A 82 30.79 1.72 -9.24
N GLN A 83 31.21 3.00 -9.24
CA GLN A 83 30.83 3.88 -10.33
C GLN A 83 31.57 3.54 -11.61
N LYS A 84 32.77 2.95 -11.51
CA LYS A 84 33.47 2.50 -12.70
C LYS A 84 32.79 1.27 -13.32
N ILE A 85 32.32 0.35 -12.48
CA ILE A 85 31.49 -0.77 -12.96
C ILE A 85 30.18 -0.26 -13.55
N PHE A 86 29.54 0.71 -12.90
CA PHE A 86 28.27 1.24 -13.38
C PHE A 86 28.40 1.90 -14.74
N LYS A 87 29.62 2.22 -15.16
CA LYS A 87 29.87 2.69 -16.52
C LYS A 87 29.44 1.68 -17.56
N TYR A 88 29.45 0.38 -17.21
CA TYR A 88 29.07 -0.68 -18.13
C TYR A 88 27.62 -1.10 -18.00
N LEU A 89 26.90 -0.58 -16.99
CA LEU A 89 25.46 -0.78 -16.92
C LEU A 89 24.80 -0.12 -18.11
N ASN A 90 23.99 -0.87 -18.86
CA ASN A 90 23.32 -0.28 -20.01
C ASN A 90 21.81 -0.39 -19.97
N SER A 91 21.25 -1.04 -18.95
CA SER A 91 19.80 -1.20 -18.88
C SER A 91 19.40 -1.70 -17.50
N LEU A 92 18.33 -1.13 -16.97
CA LEU A 92 17.67 -1.60 -15.77
C LEU A 92 16.30 -2.14 -16.17
N GLU A 93 15.85 -3.17 -15.45
CA GLU A 93 14.55 -3.75 -15.76
C GLU A 93 13.88 -4.21 -14.48
N VAL A 94 12.62 -3.85 -14.35
CA VAL A 94 11.77 -4.28 -13.25
C VAL A 94 10.56 -4.95 -13.87
N GLU A 95 10.29 -6.20 -13.51
CA GLU A 95 9.06 -6.87 -13.92
C GLU A 95 8.38 -7.53 -12.73
N ASP A 96 7.08 -7.25 -12.59
CA ASP A 96 6.21 -8.01 -11.69
C ASP A 96 6.08 -9.46 -12.18
N ALA A 97 5.86 -10.37 -11.23
CA ALA A 97 5.33 -11.68 -11.59
C ALA A 97 4.05 -11.50 -12.41
N LYS A 98 3.77 -12.49 -13.26
CA LYS A 98 2.59 -12.45 -14.11
C LYS A 98 1.33 -12.12 -13.30
N ASP A 99 1.21 -12.70 -12.11
CA ASP A 99 0.02 -12.48 -11.27
C ASP A 99 0.18 -11.31 -10.31
N VAL A 100 1.32 -10.60 -10.35
CA VAL A 100 1.58 -9.42 -9.54
C VAL A 100 1.83 -9.79 -8.08
N LYS A 101 0.81 -10.36 -7.42
CA LYS A 101 0.82 -10.51 -5.97
C LYS A 101 2.03 -11.32 -5.47
N SER A 102 2.56 -12.22 -6.28
CA SER A 102 3.58 -13.14 -5.82
C SER A 102 5.02 -12.65 -6.08
N GLY A 103 5.22 -11.38 -6.42
CA GLY A 103 6.55 -10.80 -6.42
C GLY A 103 6.93 -10.13 -7.73
N TYR A 104 8.23 -9.91 -7.87
CA TYR A 104 8.83 -9.12 -8.96
C TYR A 104 10.35 -9.30 -8.90
N SER A 105 11.02 -8.86 -9.96
CA SER A 105 12.47 -8.96 -10.00
C SER A 105 13.06 -7.67 -10.55
N ILE A 106 14.30 -7.41 -10.15
CA ILE A 106 15.08 -6.25 -10.57
C ILE A 106 16.33 -6.77 -11.23
N THR A 107 16.62 -6.26 -12.44
CA THR A 107 17.74 -6.75 -13.22
C THR A 107 18.58 -5.58 -13.70
N PHE A 108 19.89 -5.67 -13.46
CA PHE A 108 20.87 -4.72 -13.98
C PHE A 108 21.56 -5.37 -15.17
N HIS A 109 21.38 -4.80 -16.36
CA HIS A 109 21.98 -5.32 -17.58
C HIS A 109 23.33 -4.67 -17.85
N PHE A 110 24.35 -5.49 -18.04
CA PHE A 110 25.74 -5.05 -18.14
C PHE A 110 26.32 -5.46 -19.49
N THR A 111 26.99 -4.50 -20.13
CA THR A 111 27.72 -4.78 -21.35
C THR A 111 29.01 -5.50 -20.98
N SER A 112 29.70 -6.03 -21.98
CA SER A 112 30.94 -6.77 -21.76
C SER A 112 31.95 -5.88 -21.03
N ASN A 113 32.57 -6.43 -19.98
CA ASN A 113 33.30 -5.61 -19.02
C ASN A 113 34.34 -6.48 -18.33
N PRO A 114 35.35 -5.87 -17.70
CA PRO A 114 36.40 -6.67 -17.07
C PRO A 114 36.13 -7.05 -15.63
N PHE A 115 35.03 -6.58 -15.03
CA PHE A 115 34.79 -6.90 -13.62
C PHE A 115 34.17 -8.29 -13.46
N PHE A 116 33.12 -8.60 -14.21
CA PHE A 116 32.48 -9.90 -14.08
C PHE A 116 31.91 -10.35 -15.42
N GLU A 117 31.61 -11.65 -15.50
CA GLU A 117 31.16 -12.31 -16.72
C GLU A 117 29.67 -12.10 -17.02
N ASP A 118 28.84 -11.94 -16.00
CA ASP A 118 27.40 -11.84 -16.19
C ASP A 118 27.03 -10.64 -17.06
N ALA A 119 26.11 -10.88 -18.00
CA ALA A 119 25.43 -9.82 -18.73
C ALA A 119 24.35 -9.16 -17.89
N LYS A 120 23.90 -9.82 -16.84
CA LYS A 120 22.83 -9.26 -16.04
C LYS A 120 22.89 -9.82 -14.64
N LEU A 121 22.66 -8.95 -13.67
CA LEU A 121 22.56 -9.30 -12.26
C LEU A 121 21.11 -9.09 -11.85
N THR A 122 20.49 -10.13 -11.33
CA THR A 122 19.08 -10.11 -11.00
C THR A 122 18.90 -10.40 -9.52
N LYS A 123 18.05 -9.60 -8.88
CA LYS A 123 17.57 -9.86 -7.54
C LYS A 123 16.06 -10.06 -7.62
N THR A 124 15.58 -11.19 -7.13
CA THR A 124 14.18 -11.57 -7.22
C THR A 124 13.53 -11.59 -5.85
N PHE A 125 12.27 -11.15 -5.78
CA PHE A 125 11.48 -11.15 -4.55
C PHE A 125 10.25 -12.02 -4.77
N THR A 126 10.20 -13.13 -4.07
CA THR A 126 9.04 -14.00 -4.05
C THR A 126 8.32 -13.87 -2.72
N PHE A 127 6.99 -13.84 -2.76
CA PHE A 127 6.22 -13.79 -1.52
C PHE A 127 4.73 -14.08 -1.73
N LEU A 128 4.28 -15.25 -1.29
CA LEU A 128 2.85 -15.57 -1.32
C LEU A 128 2.57 -16.70 -0.33
N GLU A 130 0.45 -15.95 4.16
CA GLU A 130 1.28 -15.50 5.27
C GLU A 130 2.29 -14.46 4.79
N GLY A 131 2.33 -13.32 5.48
CA GLY A 131 3.25 -12.24 5.18
C GLY A 131 4.69 -12.63 5.42
N THR A 132 5.41 -12.88 4.33
CA THR A 132 6.81 -13.25 4.35
C THR A 132 7.31 -13.05 2.92
N THR A 133 8.62 -13.12 2.73
CA THR A 133 9.20 -12.92 1.41
C THR A 133 10.61 -13.51 1.33
N LYS A 134 10.91 -14.15 0.21
CA LYS A 134 12.22 -14.75 -0.01
C LYS A 134 12.92 -14.08 -1.19
N ILE A 135 14.22 -13.88 -1.02
CA ILE A 135 15.05 -13.13 -1.94
C ILE A 135 16.05 -14.08 -2.57
N THR A 136 16.30 -13.90 -3.87
CA THR A 136 17.37 -14.61 -4.57
C THR A 136 18.13 -13.61 -5.42
N ALA A 137 19.42 -13.86 -5.63
CA ALA A 137 20.23 -12.99 -6.45
C ALA A 137 21.23 -13.79 -7.27
N THR A 138 21.57 -13.25 -8.43
CA THR A 138 22.63 -13.80 -9.26
C THR A 138 23.95 -13.81 -8.47
N PRO A 139 24.57 -14.97 -8.26
CA PRO A 139 25.92 -14.99 -7.66
C PRO A 139 26.93 -14.49 -8.69
N ILE A 140 27.59 -13.38 -8.37
CA ILE A 140 28.38 -12.66 -9.36
C ILE A 140 29.58 -13.51 -9.78
N LYS A 141 29.72 -13.71 -11.09
CA LYS A 141 30.84 -14.45 -11.66
C LYS A 141 32.02 -13.50 -11.87
N TRP A 142 32.64 -13.11 -10.76
CA TRP A 142 33.77 -12.19 -10.81
C TRP A 142 34.90 -12.72 -11.68
N LYS A 143 35.57 -11.82 -12.38
CA LYS A 143 36.72 -12.19 -13.17
C LYS A 143 37.98 -12.19 -12.31
N GLU A 144 39.03 -12.82 -12.84
CA GLU A 144 40.18 -13.21 -12.02
C GLU A 144 40.86 -12.01 -11.38
N GLY A 145 41.16 -10.98 -12.15
CA GLY A 145 41.83 -9.81 -11.61
C GLY A 145 41.00 -9.07 -10.57
N SER A 168 30.66 -1.97 -0.86
CA SER A 168 30.23 -1.95 -2.26
C SER A 168 28.70 -2.05 -2.34
N PHE A 169 28.10 -1.25 -3.23
CA PHE A 169 26.68 -1.42 -3.51
C PHE A 169 26.38 -2.82 -4.06
N PHE A 170 27.39 -3.50 -4.62
CA PHE A 170 27.10 -4.82 -5.18
C PHE A 170 26.88 -5.87 -4.11
N THR A 171 27.04 -5.53 -2.82
CA THR A 171 26.61 -6.42 -1.76
C THR A 171 25.08 -6.62 -1.77
N TRP A 172 24.34 -5.72 -2.42
CA TRP A 172 22.88 -5.84 -2.50
C TRP A 172 22.44 -7.17 -3.11
N PHE A 173 23.29 -7.81 -3.91
CA PHE A 173 22.93 -9.07 -4.59
C PHE A 173 23.21 -10.28 -3.69
N THR A 174 22.45 -10.37 -2.58
CA THR A 174 22.49 -11.53 -1.67
C THR A 174 21.16 -12.30 -1.71
N HIS A 187 11.44 -5.09 3.86
CA HIS A 187 12.66 -4.60 4.48
C HIS A 187 13.78 -4.26 3.49
N ASP A 188 13.51 -4.32 2.19
CA ASP A 188 14.53 -3.94 1.19
C ASP A 188 14.13 -2.58 0.65
N GLU A 189 14.72 -1.53 1.23
CA GLU A 189 14.34 -0.17 0.84
C GLU A 189 14.97 0.23 -0.49
N VAL A 190 16.14 -0.29 -0.82
CA VAL A 190 16.74 0.01 -2.12
C VAL A 190 15.87 -0.58 -3.24
N ALA A 191 15.31 -1.76 -3.02
CA ALA A 191 14.42 -2.35 -4.02
C ALA A 191 13.20 -1.46 -4.25
N ASP A 192 12.58 -0.97 -3.17
CA ASP A 192 11.34 -0.20 -3.33
C ASP A 192 11.60 1.15 -3.98
N ILE A 193 12.70 1.79 -3.63
CA ILE A 193 13.06 3.05 -4.29
C ILE A 193 13.27 2.81 -5.78
N ILE A 194 14.07 1.80 -6.13
CA ILE A 194 14.26 1.49 -7.54
C ILE A 194 12.92 1.22 -8.21
N LYS A 195 12.08 0.41 -7.58
CA LYS A 195 10.85 -0.06 -8.22
C LYS A 195 9.83 1.05 -8.34
N GLU A 196 9.67 1.88 -7.31
CA GLU A 196 8.62 2.88 -7.29
C GLU A 196 9.06 4.26 -7.77
N ASP A 197 10.35 4.59 -7.68
CA ASP A 197 10.85 5.90 -8.06
C ASP A 197 11.65 5.83 -9.37
N LEU A 198 12.85 5.27 -9.31
CA LEU A 198 13.77 5.30 -10.43
C LEU A 198 13.20 4.58 -11.65
N TRP A 199 12.60 3.41 -11.45
CA TRP A 199 12.11 2.64 -12.60
C TRP A 199 10.88 3.29 -13.19
N SER A 200 10.10 3.94 -12.35
CA SER A 200 8.84 4.55 -12.77
C SER A 200 9.09 5.75 -13.66
N ASN A 201 9.90 6.70 -13.19
CA ASN A 201 10.31 7.83 -14.01
C ASN A 201 11.76 8.17 -13.71
N PRO A 202 12.72 7.51 -14.38
CA PRO A 202 14.12 7.88 -14.19
C PRO A 202 14.44 9.23 -14.76
N LEU A 203 13.59 9.74 -15.66
CA LEU A 203 13.91 10.98 -16.34
C LEU A 203 13.88 12.16 -15.38
N THR A 204 13.02 12.12 -14.35
CA THR A 204 12.98 13.25 -13.43
C THR A 204 14.21 13.28 -12.54
N TYR A 205 14.96 12.19 -12.45
CA TYR A 205 16.26 12.31 -11.80
C TYR A 205 17.36 12.61 -12.80
N PHE A 206 17.19 12.19 -14.05
CA PHE A 206 18.19 12.48 -15.07
C PHE A 206 18.21 13.98 -15.39
N ASN A 207 17.04 14.62 -15.41
CA ASN A 207 16.87 16.06 -15.72
C ASN A 207 17.20 17.02 -14.56
N SER B 1 21.65 29.15 -25.32
CA SER B 1 22.62 28.28 -25.97
C SER B 1 22.83 26.97 -25.21
N ASN B 2 21.76 26.44 -24.63
CA ASN B 2 21.86 25.20 -23.86
C ASN B 2 21.69 23.97 -24.77
N LEU B 3 20.50 23.81 -25.36
CA LEU B 3 20.32 22.69 -26.26
C LEU B 3 21.07 22.87 -27.59
N GLU B 4 21.41 24.10 -27.98
CA GLU B 4 22.11 24.32 -29.24
C GLU B 4 23.48 23.68 -29.28
N GLN B 5 24.17 23.60 -28.15
CA GLN B 5 25.49 23.01 -28.17
C GLN B 5 25.44 21.48 -28.14
N ILE B 6 24.28 20.89 -27.98
CA ILE B 6 24.20 19.47 -27.66
C ILE B 6 23.90 18.68 -28.93
N ASP B 7 24.58 17.55 -29.07
CA ASP B 7 24.37 16.67 -30.22
C ASP B 7 22.88 16.42 -30.46
N ALA B 8 22.47 16.54 -31.72
CA ALA B 8 21.05 16.50 -32.07
C ALA B 8 20.41 15.20 -31.60
N GLU B 9 21.14 14.09 -31.64
CA GLU B 9 20.49 12.84 -31.30
C GLU B 9 20.26 12.72 -29.80
N LEU B 10 21.13 13.32 -28.99
CA LEU B 10 20.90 13.36 -27.54
C LEU B 10 19.68 14.21 -27.23
N VAL B 11 19.58 15.37 -27.87
CA VAL B 11 18.43 16.26 -27.68
C VAL B 11 17.15 15.52 -28.00
N LEU B 12 17.12 14.80 -29.12
CA LEU B 12 15.87 14.19 -29.52
C LEU B 12 15.54 12.96 -28.66
N SER B 13 16.54 12.31 -28.07
CA SER B 13 16.28 11.15 -27.22
C SER B 13 15.60 11.56 -25.93
N ILE B 14 16.05 12.66 -25.34
CA ILE B 14 15.37 13.23 -24.18
C ILE B 14 13.93 13.59 -24.52
N GLU B 15 13.71 14.27 -25.65
CA GLU B 15 12.32 14.60 -26.02
C GLU B 15 11.48 13.36 -26.11
N LYS B 16 12.01 12.30 -26.72
CA LYS B 16 11.22 11.08 -26.85
C LYS B 16 11.02 10.41 -25.51
N LEU B 17 12.03 10.45 -24.63
CA LEU B 17 11.84 9.93 -23.27
C LEU B 17 10.73 10.69 -22.55
N GLN B 18 10.73 12.02 -22.68
CA GLN B 18 9.71 12.81 -22.00
C GLN B 18 8.32 12.42 -22.49
N GLU B 19 8.20 12.15 -23.77
CA GLU B 19 6.91 11.79 -24.34
C GLU B 19 6.49 10.40 -23.89
N ILE B 20 7.44 9.49 -23.77
CA ILE B 20 7.12 8.17 -23.26
C ILE B 20 6.67 8.24 -21.81
N GLN B 21 7.33 9.07 -21.00
CA GLN B 21 6.91 9.23 -19.62
C GLN B 21 5.51 9.85 -19.52
N ASP B 22 5.18 10.78 -20.42
CA ASP B 22 3.80 11.27 -20.48
C ASP B 22 2.83 10.14 -20.80
N ASP B 23 3.16 9.28 -21.76
CA ASP B 23 2.29 8.14 -22.07
C ASP B 23 2.12 7.24 -20.85
N LEU B 24 3.21 6.98 -20.13
CA LEU B 24 3.14 6.14 -18.94
C LEU B 24 2.29 6.79 -17.86
N GLU B 25 2.38 8.12 -17.73
CA GLU B 25 1.56 8.86 -16.77
C GLU B 25 0.07 8.67 -17.08
N LYS B 26 -0.31 8.80 -18.35
CA LYS B 26 -1.71 8.61 -18.72
C LYS B 26 -2.13 7.18 -18.47
N ILE B 27 -1.25 6.22 -18.71
CA ILE B 27 -1.60 4.84 -18.48
C ILE B 27 -1.84 4.60 -17.00
N ASN B 28 -0.94 5.10 -16.16
CA ASN B 28 -1.10 4.93 -14.72
C ASN B 28 -2.41 5.52 -14.23
N GLU B 29 -2.84 6.63 -14.83
CA GLU B 29 -4.08 7.27 -14.43
C GLU B 29 -5.30 6.48 -14.89
N LYS B 30 -5.23 5.82 -16.04
CA LYS B 30 -6.32 4.93 -16.39
C LYS B 30 -6.36 3.73 -15.46
N ALA B 31 -5.21 3.32 -14.94
CA ALA B 31 -5.20 2.18 -14.03
C ALA B 31 -5.81 2.55 -12.68
N SER B 32 -5.44 3.75 -12.16
CA SER B 32 -6.05 4.28 -10.95
C SER B 32 -7.55 4.38 -11.06
N ASP B 33 -8.03 4.98 -12.15
CA ASP B 33 -9.46 5.10 -12.35
C ASP B 33 -10.12 3.73 -12.36
N GLU B 34 -9.48 2.73 -12.97
CA GLU B 34 -10.10 1.43 -13.10
C GLU B 34 -10.16 0.70 -11.75
N VAL B 35 -9.11 0.86 -10.95
CA VAL B 35 -9.08 0.33 -9.59
C VAL B 35 -10.11 1.05 -8.72
N LEU B 36 -10.16 2.39 -8.82
CA LEU B 36 -11.17 3.14 -8.09
C LEU B 36 -12.56 2.61 -8.40
N GLU B 37 -12.84 2.32 -9.67
CA GLU B 37 -14.16 1.82 -10.03
C GLU B 37 -14.46 0.48 -9.34
N VAL B 38 -13.45 -0.40 -9.21
CA VAL B 38 -13.64 -1.66 -8.51
C VAL B 38 -13.92 -1.43 -7.02
N GLU B 39 -13.19 -0.49 -6.39
CA GLU B 39 -13.45 -0.19 -4.98
C GLU B 39 -14.86 0.35 -4.79
N GLN B 40 -15.32 1.19 -5.71
CA GLN B 40 -16.67 1.74 -5.58
C GLN B 40 -17.72 0.65 -5.72
N LYS B 41 -17.53 -0.27 -6.67
CA LYS B 41 -18.48 -1.35 -6.89
C LYS B 41 -18.64 -2.19 -5.63
N TYR B 42 -17.54 -2.50 -4.96
CA TYR B 42 -17.59 -3.38 -3.80
C TYR B 42 -17.92 -2.64 -2.51
N ASN B 43 -17.70 -1.33 -2.47
CA ASN B 43 -18.29 -0.53 -1.39
C ASN B 43 -19.81 -0.65 -1.41
N VAL B 44 -20.41 -0.59 -2.60
CA VAL B 44 -21.86 -0.78 -2.71
C VAL B 44 -22.26 -2.18 -2.27
N ILE B 45 -21.53 -3.20 -2.74
CA ILE B 45 -21.91 -4.58 -2.46
C ILE B 45 -21.78 -4.90 -0.97
N ARG B 46 -20.79 -4.33 -0.30
CA ARG B 46 -20.58 -4.66 1.09
C ARG B 46 -21.58 -3.94 2.01
N LYS B 47 -22.22 -2.88 1.53
CA LYS B 47 -22.97 -2.00 2.43
C LYS B 47 -24.14 -2.70 3.10
N PRO B 48 -25.03 -3.42 2.40
CA PRO B 48 -26.06 -4.18 3.12
C PRO B 48 -25.53 -5.35 3.91
N VAL B 49 -24.33 -5.85 3.63
CA VAL B 49 -23.76 -6.87 4.50
C VAL B 49 -23.29 -6.26 5.81
N TYR B 50 -22.64 -5.09 5.73
CA TYR B 50 -22.30 -4.39 6.98
C TYR B 50 -23.55 -4.04 7.80
N ASP B 51 -24.62 -3.61 7.13
CA ASP B 51 -25.87 -3.29 7.83
C ASP B 51 -26.40 -4.52 8.56
N LYS B 52 -26.41 -5.67 7.88
CA LYS B 52 -26.85 -6.90 8.53
C LYS B 52 -25.92 -7.28 9.67
N ARG B 53 -24.61 -7.05 9.52
CA ARG B 53 -23.70 -7.32 10.63
C ARG B 53 -24.01 -6.43 11.83
N ASN B 54 -24.28 -5.14 11.59
CA ASN B 54 -24.63 -4.23 12.66
C ASN B 54 -25.91 -4.69 13.37
N GLU B 55 -26.91 -5.15 12.60
CA GLU B 55 -28.16 -5.59 13.21
C GLU B 55 -27.93 -6.77 14.15
N VAL B 56 -27.24 -7.81 13.66
CA VAL B 56 -26.95 -9.00 14.46
C VAL B 56 -26.16 -8.66 15.71
N ILE B 57 -25.26 -7.68 15.63
CA ILE B 57 -24.41 -7.30 16.75
C ILE B 57 -25.23 -6.74 17.93
N GLN B 58 -26.43 -6.21 17.68
CA GLN B 58 -27.26 -5.68 18.75
C GLN B 58 -27.64 -6.74 19.78
N SER B 59 -27.59 -8.02 19.41
CA SER B 59 -27.98 -9.08 20.33
C SER B 59 -26.80 -9.67 21.09
N ILE B 60 -25.60 -9.11 20.92
CA ILE B 60 -24.41 -9.62 21.57
C ILE B 60 -23.89 -8.53 22.50
N PRO B 61 -24.01 -8.69 23.82
CA PRO B 61 -23.65 -7.60 24.73
C PRO B 61 -22.16 -7.29 24.71
N GLY B 62 -21.85 -5.99 24.69
CA GLY B 62 -20.47 -5.54 24.77
C GLY B 62 -19.58 -6.08 23.66
N PHE B 63 -20.15 -6.30 22.48
CA PHE B 63 -19.39 -6.92 21.40
C PHE B 63 -18.20 -6.05 20.97
N TRP B 64 -18.48 -4.84 20.49
CA TRP B 64 -17.43 -3.97 20.00
C TRP B 64 -16.43 -3.62 21.10
N MET B 65 -16.90 -3.53 22.35
CA MET B 65 -15.98 -3.28 23.46
C MET B 65 -15.04 -4.45 23.65
N THR B 66 -15.56 -5.67 23.56
CA THR B 66 -14.74 -6.86 23.81
C THR B 66 -13.75 -7.07 22.67
N ALA B 67 -14.17 -6.81 21.43
CA ALA B 67 -13.28 -6.98 20.30
C ALA B 67 -12.14 -5.96 20.34
N PHE B 68 -12.46 -4.70 20.64
CA PHE B 68 -11.43 -3.68 20.75
C PHE B 68 -10.46 -4.02 21.88
N LEU B 69 -10.98 -4.37 23.05
CA LEU B 69 -10.14 -4.66 24.20
C LEU B 69 -9.32 -5.93 24.03
N SER B 70 -9.75 -6.85 23.16
CA SER B 70 -9.01 -8.08 22.94
C SER B 70 -8.04 -8.01 21.76
N HIS B 71 -8.09 -6.95 20.98
CA HIS B 71 -7.18 -6.85 19.83
C HIS B 71 -5.74 -6.70 20.32
N PRO B 72 -4.81 -7.53 19.84
CA PRO B 72 -3.46 -7.49 20.41
C PRO B 72 -2.76 -6.16 20.24
N ALA B 73 -2.85 -5.53 19.06
CA ALA B 73 -2.24 -4.23 18.85
C ALA B 73 -3.03 -3.12 19.54
N LEU B 74 -4.32 -3.03 19.21
CA LEU B 74 -5.14 -1.93 19.74
C LEU B 74 -5.27 -2.01 21.25
N GLY B 75 -5.42 -3.20 21.80
CA GLY B 75 -5.47 -3.33 23.25
C GLY B 75 -4.23 -2.78 23.93
N ASP B 76 -3.08 -2.94 23.30
CA ASP B 76 -1.82 -2.49 23.89
C ASP B 76 -1.71 -0.97 23.94
N LEU B 77 -2.80 -0.26 23.61
CA LEU B 77 -2.76 1.19 23.50
C LEU B 77 -3.66 1.89 24.51
N LEU B 78 -4.32 1.15 25.38
CA LEU B 78 -5.18 1.73 26.40
C LEU B 78 -4.41 1.83 27.71
N THR B 79 -4.51 2.99 28.36
CA THR B 79 -4.24 3.05 29.79
C THR B 79 -5.28 2.19 30.53
N GLU B 80 -5.05 1.97 31.82
CA GLU B 80 -6.10 1.38 32.63
C GLU B 80 -7.30 2.31 32.71
N GLU B 81 -7.06 3.62 32.70
CA GLU B 81 -8.16 4.58 32.66
C GLU B 81 -8.82 4.59 31.28
N ASP B 82 -8.00 4.49 30.22
CA ASP B 82 -8.57 4.33 28.88
C ASP B 82 -9.46 3.09 28.80
N GLN B 83 -9.17 2.06 29.59
CA GLN B 83 -10.01 0.87 29.63
C GLN B 83 -11.27 1.10 30.44
N LYS B 84 -11.23 1.97 31.45
CA LYS B 84 -12.44 2.37 32.16
C LYS B 84 -13.41 3.06 31.21
N ILE B 85 -12.89 3.90 30.32
CA ILE B 85 -13.73 4.62 29.37
C ILE B 85 -14.37 3.64 28.40
N PHE B 86 -13.55 2.79 27.78
CA PHE B 86 -14.02 1.91 26.71
C PHE B 86 -15.10 0.94 27.17
N LYS B 87 -15.23 0.71 28.47
CA LYS B 87 -16.36 -0.05 28.98
C LYS B 87 -17.69 0.57 28.54
N TYR B 88 -17.67 1.82 28.08
CA TYR B 88 -18.88 2.50 27.65
C TYR B 88 -19.02 2.54 26.13
N LEU B 89 -18.15 1.85 25.38
CA LEU B 89 -18.26 1.81 23.92
C LEU B 89 -19.39 0.88 23.51
N ASN B 90 -20.33 1.37 22.69
CA ASN B 90 -21.40 0.55 22.16
C ASN B 90 -21.26 0.20 20.68
N SER B 91 -20.49 0.96 19.90
CA SER B 91 -20.46 0.72 18.46
C SER B 91 -19.22 1.31 17.81
N LEU B 92 -18.67 0.55 16.87
CA LEU B 92 -17.68 1.05 15.92
C LEU B 92 -18.30 1.16 14.54
N GLU B 93 -17.87 2.16 13.79
CA GLU B 93 -18.43 2.44 12.48
C GLU B 93 -17.34 3.03 11.62
N VAL B 94 -17.02 2.36 10.52
CA VAL B 94 -16.10 2.85 9.51
C VAL B 94 -16.87 3.06 8.22
N GLU B 95 -16.77 4.26 7.65
CA GLU B 95 -17.50 4.58 6.44
C GLU B 95 -16.56 5.29 5.47
N ASP B 96 -16.46 4.78 4.25
CA ASP B 96 -15.78 5.49 3.19
C ASP B 96 -16.73 6.51 2.56
N ALA B 97 -16.15 7.58 2.01
CA ALA B 97 -16.93 8.50 1.20
C ALA B 97 -17.57 7.77 0.01
N LYS B 98 -18.66 8.36 -0.52
CA LYS B 98 -19.48 7.68 -1.52
C LYS B 98 -18.65 7.28 -2.74
N ASP B 99 -17.82 8.18 -3.22
CA ASP B 99 -16.66 7.73 -3.97
C ASP B 99 -15.59 7.36 -2.95
N VAL B 100 -14.88 6.27 -3.20
CA VAL B 100 -13.90 5.81 -2.24
C VAL B 100 -12.80 6.86 -2.05
N LYS B 101 -12.37 7.48 -3.15
CA LYS B 101 -11.15 8.28 -3.14
C LYS B 101 -11.20 9.47 -2.16
N SER B 102 -12.40 10.00 -1.84
CA SER B 102 -12.46 11.20 -1.01
C SER B 102 -11.94 10.98 0.40
N GLY B 103 -11.96 9.73 0.89
CA GLY B 103 -11.50 9.44 2.22
C GLY B 103 -12.56 8.68 3.00
N TYR B 104 -12.36 8.63 4.31
CA TYR B 104 -13.20 7.81 5.16
C TYR B 104 -13.26 8.44 6.54
N SER B 105 -14.11 7.87 7.39
CA SER B 105 -14.15 8.25 8.80
C SER B 105 -14.37 7.04 9.68
N ILE B 106 -13.82 7.12 10.87
CA ILE B 106 -13.94 6.12 11.91
C ILE B 106 -14.69 6.76 13.06
N THR B 107 -15.74 6.08 13.54
CA THR B 107 -16.55 6.65 14.61
C THR B 107 -16.74 5.65 15.74
N PHE B 108 -16.46 6.09 16.96
CA PHE B 108 -16.70 5.30 18.16
C PHE B 108 -17.96 5.84 18.82
N HIS B 109 -18.96 4.98 19.02
CA HIS B 109 -20.21 5.38 19.66
C HIS B 109 -20.20 4.93 21.12
N PHE B 110 -20.17 5.89 22.03
CA PHE B 110 -20.17 5.61 23.45
C PHE B 110 -21.54 5.91 24.06
N THR B 111 -21.93 5.10 25.03
CA THR B 111 -23.14 5.37 25.79
C THR B 111 -22.85 6.38 26.89
N SER B 112 -23.90 6.89 27.52
CA SER B 112 -23.75 7.96 28.49
C SER B 112 -22.73 7.59 29.55
N ASN B 113 -21.61 8.31 29.57
CA ASN B 113 -20.49 7.98 30.45
C ASN B 113 -20.14 9.14 31.35
N PRO B 114 -19.45 8.88 32.47
CA PRO B 114 -19.06 9.96 33.38
C PRO B 114 -17.78 10.68 33.00
N PHE B 115 -17.20 10.40 31.84
CA PHE B 115 -15.91 10.96 31.47
C PHE B 115 -16.00 12.10 30.45
N PHE B 116 -16.86 11.96 29.45
CA PHE B 116 -17.07 13.04 28.49
C PHE B 116 -18.54 13.10 28.10
N GLU B 117 -18.87 14.20 27.41
CA GLU B 117 -20.24 14.49 26.99
C GLU B 117 -20.61 13.73 25.72
N ASP B 118 -19.65 13.58 24.81
CA ASP B 118 -19.95 13.14 23.45
C ASP B 118 -20.53 11.74 23.45
N ALA B 119 -21.44 11.50 22.50
CA ALA B 119 -21.89 10.15 22.20
C ALA B 119 -21.13 9.53 21.04
N LYS B 120 -20.55 10.36 20.16
CA LYS B 120 -19.75 9.91 19.02
C LYS B 120 -18.40 10.60 19.07
N LEU B 121 -17.33 9.83 18.92
CA LEU B 121 -15.99 10.37 18.68
C LEU B 121 -15.57 9.94 17.30
N THR B 122 -15.34 10.91 16.41
CA THR B 122 -15.12 10.65 14.99
C THR B 122 -13.76 11.19 14.57
N LYS B 123 -13.08 10.45 13.70
CA LYS B 123 -11.82 10.86 13.13
C LYS B 123 -11.93 10.68 11.62
N THR B 124 -11.99 11.79 10.90
CA THR B 124 -12.30 11.82 9.48
C THR B 124 -11.03 12.13 8.69
N PHE B 125 -10.73 11.29 7.71
CA PHE B 125 -9.54 11.44 6.88
C PHE B 125 -10.00 11.88 5.50
N THR B 126 -9.70 13.10 5.12
CA THR B 126 -10.16 13.65 3.86
C THR B 126 -8.99 13.75 2.90
N PHE B 127 -9.12 13.11 1.74
CA PHE B 127 -8.09 13.12 0.72
C PHE B 127 -8.41 14.22 -0.28
N LEU B 128 -7.53 15.21 -0.38
CA LEU B 128 -7.74 16.33 -1.27
C LEU B 128 -7.25 16.00 -2.67
N GLU B 129 -7.95 16.55 -3.66
CA GLU B 129 -7.60 16.32 -5.06
C GLU B 129 -6.19 16.77 -5.39
N GLU B 130 -5.57 17.57 -4.53
CA GLU B 130 -4.23 18.12 -4.76
C GLU B 130 -3.34 17.73 -3.58
N GLY B 131 -2.68 16.58 -3.69
CA GLY B 131 -1.61 16.24 -2.75
C GLY B 131 -2.10 15.93 -1.34
N THR B 132 -1.50 16.62 -0.36
CA THR B 132 -1.66 16.30 1.06
C THR B 132 -3.14 16.29 1.46
N THR B 133 -3.43 15.52 2.51
CA THR B 133 -4.77 15.25 2.98
C THR B 133 -5.02 15.92 4.33
N LYS B 134 -6.29 16.14 4.64
CA LYS B 134 -6.72 16.85 5.85
C LYS B 134 -7.40 15.88 6.81
N ILE B 135 -6.92 15.86 8.04
CA ILE B 135 -7.33 14.91 9.07
C ILE B 135 -8.08 15.69 10.14
N THR B 136 -9.39 15.48 10.26
CA THR B 136 -10.16 16.12 11.30
C THR B 136 -10.62 15.10 12.34
N ALA B 137 -11.04 15.60 13.49
CA ALA B 137 -11.34 14.76 14.63
C ALA B 137 -12.27 15.53 15.55
N THR B 138 -12.84 14.81 16.52
CA THR B 138 -13.75 15.44 17.48
C THR B 138 -12.99 16.03 18.65
N PRO B 139 -13.29 17.27 19.07
CA PRO B 139 -12.81 17.77 20.37
C PRO B 139 -13.52 17.14 21.55
N ILE B 140 -12.84 16.27 22.30
CA ILE B 140 -13.44 15.59 23.44
C ILE B 140 -13.98 16.59 24.45
N LYS B 141 -15.25 16.45 24.80
CA LYS B 141 -15.91 17.34 25.77
C LYS B 141 -15.98 16.63 27.14
N TRP B 142 -14.81 16.50 27.76
CA TRP B 142 -14.68 15.81 29.05
C TRP B 142 -15.55 16.46 30.13
N LYS B 143 -16.06 15.63 31.04
CA LYS B 143 -16.82 16.13 32.17
C LYS B 143 -15.93 16.98 33.06
N SER B 168 -1.96 8.23 26.22
CA SER B 168 -3.37 7.83 26.22
C SER B 168 -3.88 7.62 24.80
N PHE B 169 -4.86 6.72 24.64
CA PHE B 169 -5.39 6.44 23.32
C PHE B 169 -6.19 7.61 22.76
N PHE B 170 -6.91 8.34 23.61
CA PHE B 170 -7.70 9.47 23.15
C PHE B 170 -6.84 10.64 22.67
N THR B 171 -5.51 10.52 22.76
CA THR B 171 -4.62 11.39 21.99
C THR B 171 -4.73 11.13 20.50
N TRP B 172 -5.31 10.00 20.10
CA TRP B 172 -5.53 9.70 18.70
C TRP B 172 -6.50 10.67 18.03
N PHE B 173 -7.31 11.39 18.80
CA PHE B 173 -8.27 12.35 18.25
C PHE B 173 -7.66 13.76 18.17
N THR B 174 -6.61 13.89 17.35
CA THR B 174 -5.95 15.16 17.10
C THR B 174 -5.90 15.42 15.59
N ASP B 175 -6.15 16.69 15.22
CA ASP B 175 -6.21 17.06 13.81
C ASP B 175 -4.86 16.97 13.09
N ALA B 176 -3.80 16.59 13.79
CA ALA B 176 -2.47 16.42 13.19
C ALA B 176 -2.52 15.62 11.89
N ASP B 188 -0.97 6.99 9.78
CA ASP B 188 -1.75 6.68 10.97
C ASP B 188 -1.83 5.16 11.18
N GLU B 189 -1.02 4.64 12.10
CA GLU B 189 -0.99 3.20 12.33
C GLU B 189 -2.31 2.72 12.94
N VAL B 190 -2.79 3.43 13.96
CA VAL B 190 -4.03 3.05 14.64
C VAL B 190 -5.19 3.04 13.66
N ALA B 191 -5.28 4.08 12.81
CA ALA B 191 -6.40 4.16 11.88
C ALA B 191 -6.38 3.01 10.89
N ASP B 192 -5.19 2.60 10.45
CA ASP B 192 -5.07 1.48 9.52
C ASP B 192 -5.49 0.17 10.18
N ILE B 193 -5.02 -0.07 11.42
CA ILE B 193 -5.40 -1.27 12.16
C ILE B 193 -6.92 -1.35 12.33
N ILE B 194 -7.55 -0.24 12.74
CA ILE B 194 -9.00 -0.22 12.91
C ILE B 194 -9.71 -0.44 11.58
N LYS B 195 -9.32 0.31 10.54
CA LYS B 195 -10.06 0.26 9.29
C LYS B 195 -9.90 -1.09 8.61
N GLU B 196 -8.66 -1.58 8.53
CA GLU B 196 -8.37 -2.75 7.72
C GLU B 196 -8.41 -4.05 8.51
N ASP B 197 -8.22 -4.01 9.83
CA ASP B 197 -8.22 -5.23 10.63
C ASP B 197 -9.47 -5.32 11.52
N LEU B 198 -9.58 -4.50 12.57
CA LEU B 198 -10.67 -4.67 13.53
C LEU B 198 -12.02 -4.59 12.85
N TRP B 199 -12.27 -3.52 12.10
CA TRP B 199 -13.56 -3.35 11.45
C TRP B 199 -13.83 -4.46 10.43
N SER B 200 -12.80 -4.93 9.73
CA SER B 200 -13.01 -5.92 8.68
C SER B 200 -13.49 -7.25 9.25
N ASN B 201 -12.86 -7.71 10.33
CA ASN B 201 -13.28 -8.94 11.01
C ASN B 201 -13.09 -8.78 12.51
N PRO B 202 -14.08 -8.21 13.21
CA PRO B 202 -13.99 -8.13 14.68
C PRO B 202 -14.28 -9.45 15.37
N LEU B 203 -15.00 -10.37 14.72
CA LEU B 203 -15.44 -11.60 15.37
C LEU B 203 -14.25 -12.46 15.80
N THR B 204 -13.14 -12.41 15.06
CA THR B 204 -11.99 -13.21 15.47
C THR B 204 -11.40 -12.75 16.81
N TYR B 205 -11.55 -11.47 17.17
CA TYR B 205 -11.09 -10.98 18.45
C TYR B 205 -12.15 -11.03 19.55
N PHE B 206 -13.42 -11.17 19.18
CA PHE B 206 -14.44 -11.43 20.18
C PHE B 206 -14.24 -12.82 20.76
N ASN B 207 -13.79 -13.75 19.94
CA ASN B 207 -13.64 -15.13 20.37
C ASN B 207 -12.46 -15.27 21.34
N ASN B 208 -11.34 -14.64 21.03
CA ASN B 208 -10.14 -14.69 21.89
C ASN B 208 -10.19 -13.64 23.01
CA CA C . -24.53 -17.29 3.37
CA CA D . -14.31 -8.88 -13.26
CA CA E . 28.38 20.19 -29.44
#